data_3PDW
#
_entry.id   3PDW
#
_cell.length_a   94.190
_cell.length_b   38.878
_cell.length_c   81.031
_cell.angle_alpha   90.00
_cell.angle_beta   93.04
_cell.angle_gamma   90.00
#
_symmetry.space_group_name_H-M   'C 1 2 1'
#
loop_
_entity.id
_entity.type
_entity.pdbx_description
1 polymer 'Uncharacterized hydrolase yutF'
2 non-polymer GLYCEROL
3 non-polymer 'ACETIC ACID'
4 water water
#
_entity_poly.entity_id   1
_entity_poly.type   'polypeptide(L)'
_entity_poly.pdbx_seq_one_letter_code
;MSLKTYKGYLIDLDGTMYNGTEKIEEACEFVRTLKDRGVPYLFVTNNSSRTPKQVADKLVSFDIPATEEQVFTTSMATAQ
HIAQQKKDASVYVIGEEGIRQAIEENGLTFGGENADFVVVGIDRSITYEKFAVGCLAIRNGARFISTNGDIAIPTERGLL
PGNGSLTSVLTVSTGVQPVFIGKPESIIMEQAMRVLGTDVSETLMVGDNYATDIMAGINAGMDTLLVHTGVTKREHMTDD
MEKPTHAIDSLTEWIPYIEGHHHHHH
;
_entity_poly.pdbx_strand_id   A
#
# COMPACT_ATOMS: atom_id res chain seq x y z
N SER A 2 28.96 5.80 1.64
CA SER A 2 28.60 4.97 2.79
C SER A 2 27.23 4.36 2.57
N LEU A 3 27.00 3.18 3.15
CA LEU A 3 25.68 2.55 3.14
C LEU A 3 25.19 2.41 4.57
N LYS A 4 24.00 2.93 4.83
CA LYS A 4 23.36 2.84 6.13
C LYS A 4 23.02 1.38 6.45
N THR A 5 22.86 1.06 7.72
CA THR A 5 22.29 -0.23 8.10
C THR A 5 20.78 -0.09 8.34
N TYR A 6 19.99 -0.76 7.51
CA TYR A 6 18.54 -0.71 7.62
C TYR A 6 18.07 -1.85 8.51
N LYS A 7 17.12 -1.55 9.39
CA LYS A 7 16.60 -2.51 10.34
C LYS A 7 15.23 -3.05 9.93
N GLY A 8 14.69 -2.54 8.83
CA GLY A 8 13.38 -2.99 8.37
C GLY A 8 13.18 -2.64 6.91
N TYR A 9 12.48 -3.51 6.19
CA TYR A 9 12.25 -3.32 4.76
C TYR A 9 10.75 -3.29 4.43
N LEU A 10 10.35 -2.35 3.58
CA LEU A 10 9.02 -2.38 2.98
C LEU A 10 9.23 -2.72 1.51
N ILE A 11 8.55 -3.77 1.04
CA ILE A 11 8.77 -4.28 -0.31
C ILE A 11 7.50 -4.16 -1.15
N ASP A 12 7.55 -3.39 -2.24
CA ASP A 12 6.34 -3.15 -3.00
C ASP A 12 5.91 -4.34 -3.85
N LEU A 13 4.60 -4.59 -3.89
CA LEU A 13 4.02 -5.71 -4.64
C LEU A 13 3.42 -5.33 -5.99
N ASP A 14 3.31 -4.04 -6.29
CA ASP A 14 2.43 -3.60 -7.38
C ASP A 14 3.09 -3.42 -8.75
N GLY A 15 4.41 -3.46 -8.80
CA GLY A 15 5.12 -3.16 -10.04
C GLY A 15 5.43 -4.37 -10.91
N THR A 16 6.42 -4.20 -11.78
CA THR A 16 6.83 -5.22 -12.75
C THR A 16 7.97 -6.07 -12.20
N MET A 17 8.27 -5.86 -10.93
CA MET A 17 9.40 -6.48 -10.25
C MET A 17 9.30 -8.00 -10.19
N TYR A 18 8.11 -8.53 -10.44
CA TYR A 18 7.86 -9.96 -10.34
C TYR A 18 7.43 -10.55 -11.68
N ASN A 19 7.78 -9.86 -12.77
CA ASN A 19 7.35 -10.29 -14.10
C ASN A 19 8.24 -11.38 -14.68
N GLY A 20 7.72 -12.60 -14.75
CA GLY A 20 8.44 -13.69 -15.38
C GLY A 20 9.25 -14.52 -14.41
N THR A 21 9.71 -15.67 -14.89
CA THR A 21 10.40 -16.65 -14.05
C THR A 21 11.67 -16.11 -13.40
N GLU A 22 12.46 -15.39 -14.19
CA GLU A 22 13.72 -14.86 -13.68
C GLU A 22 13.49 -13.87 -12.54
N LYS A 23 12.59 -12.90 -12.75
CA LYS A 23 12.33 -11.89 -11.75
C LYS A 23 11.76 -12.51 -10.47
N ILE A 24 10.85 -13.45 -10.61
CA ILE A 24 10.25 -14.09 -9.45
C ILE A 24 11.30 -14.82 -8.62
N GLU A 25 12.21 -15.53 -9.30
CA GLU A 25 13.26 -16.23 -8.59
C GLU A 25 14.21 -15.25 -7.90
N GLU A 26 14.44 -14.11 -8.55
CA GLU A 26 15.30 -13.08 -7.97
C GLU A 26 14.65 -12.49 -6.72
N ALA A 27 13.35 -12.21 -6.81
CA ALA A 27 12.63 -11.70 -5.65
C ALA A 27 12.67 -12.71 -4.51
N CYS A 28 12.53 -13.99 -4.86
CA CYS A 28 12.55 -15.04 -3.86
C CYS A 28 13.89 -15.05 -3.11
N GLU A 29 15.00 -14.98 -3.84
CA GLU A 29 16.31 -15.05 -3.20
C GLU A 29 16.55 -13.80 -2.35
N PHE A 30 16.07 -12.64 -2.83
CA PHE A 30 16.17 -11.38 -2.09
C PHE A 30 15.45 -11.49 -0.74
N VAL A 31 14.19 -11.89 -0.78
CA VAL A 31 13.41 -12.01 0.45
C VAL A 31 13.98 -13.08 1.38
N ARG A 32 14.43 -14.21 0.82
CA ARG A 32 15.00 -15.27 1.66
C ARG A 32 16.27 -14.82 2.34
N THR A 33 17.01 -13.91 1.71
CA THR A 33 18.20 -13.33 2.33
C THR A 33 17.82 -12.50 3.56
N LEU A 34 16.81 -11.64 3.42
CA LEU A 34 16.31 -10.89 4.56
C LEU A 34 15.89 -11.85 5.67
N LYS A 35 15.13 -12.88 5.32
CA LYS A 35 14.67 -13.83 6.33
C LYS A 35 15.85 -14.57 6.96
N ASP A 36 16.76 -15.04 6.11
CA ASP A 36 17.94 -15.76 6.57
C ASP A 36 18.75 -14.93 7.57
N ARG A 37 18.81 -13.62 7.33
CA ARG A 37 19.63 -12.74 8.16
C ARG A 37 18.83 -12.04 9.26
N GLY A 38 17.57 -12.45 9.45
CA GLY A 38 16.77 -11.97 10.56
C GLY A 38 16.24 -10.55 10.44
N VAL A 39 16.14 -10.06 9.21
CA VAL A 39 15.68 -8.70 8.97
C VAL A 39 14.18 -8.72 8.72
N PRO A 40 13.40 -7.96 9.51
CA PRO A 40 11.94 -7.86 9.38
C PRO A 40 11.55 -7.16 8.08
N TYR A 41 10.47 -7.61 7.44
CA TYR A 41 9.95 -6.94 6.26
C TYR A 41 8.42 -7.02 6.19
N LEU A 42 7.84 -6.11 5.41
CA LEU A 42 6.42 -6.18 5.05
C LEU A 42 6.32 -5.98 3.53
N PHE A 43 5.42 -6.71 2.90
CA PHE A 43 5.06 -6.45 1.52
C PHE A 43 3.93 -5.42 1.51
N VAL A 44 4.06 -4.38 0.70
CA VAL A 44 3.05 -3.33 0.69
C VAL A 44 2.36 -3.22 -0.67
N THR A 45 1.11 -2.77 -0.66
CA THR A 45 0.35 -2.70 -1.90
C THR A 45 -0.76 -1.66 -1.79
N ASN A 46 -1.06 -0.99 -2.91
CA ASN A 46 -2.19 -0.06 -3.01
C ASN A 46 -3.50 -0.77 -3.33
N ASN A 47 -3.45 -2.09 -3.51
CA ASN A 47 -4.67 -2.86 -3.79
C ASN A 47 -5.48 -3.00 -2.51
N SER A 48 -6.68 -2.41 -2.46
CA SER A 48 -7.52 -2.50 -1.27
C SER A 48 -8.40 -3.74 -1.25
N SER A 49 -8.48 -4.42 -2.39
CA SER A 49 -9.43 -5.51 -2.58
C SER A 49 -9.01 -6.87 -2.01
N ARG A 50 -7.76 -7.26 -2.21
CA ARG A 50 -7.32 -8.57 -1.74
C ARG A 50 -6.98 -8.53 -0.26
N THR A 51 -7.26 -9.62 0.43
CA THR A 51 -6.95 -9.76 1.86
C THR A 51 -5.48 -10.16 2.00
N PRO A 52 -4.89 -9.92 3.18
CA PRO A 52 -3.50 -10.32 3.38
C PRO A 52 -3.29 -11.83 3.19
N LYS A 53 -4.29 -12.64 3.53
CA LYS A 53 -4.18 -14.08 3.31
C LYS A 53 -4.07 -14.39 1.83
N GLN A 54 -4.93 -13.78 1.03
CA GLN A 54 -4.90 -14.00 -0.41
C GLN A 54 -3.54 -13.64 -1.01
N VAL A 55 -2.99 -12.53 -0.57
CA VAL A 55 -1.72 -12.05 -1.12
C VAL A 55 -0.58 -12.97 -0.69
N ALA A 56 -0.54 -13.31 0.60
CA ALA A 56 0.54 -14.14 1.12
C ALA A 56 0.48 -15.54 0.51
N ASP A 57 -0.72 -16.09 0.36
CA ASP A 57 -0.87 -17.40 -0.27
C ASP A 57 -0.22 -17.43 -1.64
N LYS A 58 -0.45 -16.39 -2.43
CA LYS A 58 0.14 -16.30 -3.76
C LYS A 58 1.66 -16.18 -3.71
N LEU A 59 2.19 -15.33 -2.83
CA LEU A 59 3.63 -15.24 -2.63
C LEU A 59 4.23 -16.60 -2.24
N VAL A 60 3.59 -17.27 -1.30
CA VAL A 60 4.07 -18.58 -0.86
C VAL A 60 4.04 -19.62 -1.98
N SER A 61 3.12 -19.49 -2.92
CA SER A 61 3.05 -20.41 -4.05
C SER A 61 4.27 -20.30 -4.98
N PHE A 62 5.00 -19.19 -4.89
CA PHE A 62 6.25 -19.01 -5.61
C PHE A 62 7.46 -19.14 -4.72
N ASP A 63 7.25 -19.71 -3.52
CA ASP A 63 8.31 -19.95 -2.55
C ASP A 63 8.90 -18.66 -1.98
N ILE A 64 8.17 -17.56 -2.11
CA ILE A 64 8.55 -16.32 -1.46
C ILE A 64 7.95 -16.35 -0.08
N PRO A 65 8.78 -16.28 0.96
CA PRO A 65 8.32 -16.49 2.34
C PRO A 65 7.52 -15.31 2.86
N ALA A 66 6.23 -15.51 3.05
CA ALA A 66 5.36 -14.44 3.54
C ALA A 66 4.23 -15.01 4.36
N THR A 67 4.17 -14.66 5.64
CA THR A 67 3.01 -14.96 6.43
C THR A 67 1.95 -13.89 6.17
N GLU A 68 0.73 -14.15 6.61
CA GLU A 68 -0.35 -13.19 6.48
C GLU A 68 0.05 -11.89 7.16
N GLU A 69 0.81 -12.02 8.24
CA GLU A 69 1.22 -10.87 9.03
C GLU A 69 2.31 -10.04 8.36
N GLN A 70 2.92 -10.61 7.32
CA GLN A 70 3.93 -9.89 6.57
C GLN A 70 3.38 -9.20 5.31
N VAL A 71 2.06 -9.16 5.19
CA VAL A 71 1.45 -8.43 4.10
C VAL A 71 0.74 -7.22 4.67
N PHE A 72 1.05 -6.05 4.14
CA PHE A 72 0.45 -4.83 4.65
C PHE A 72 -0.18 -4.04 3.51
N THR A 73 -1.51 -4.04 3.46
CA THR A 73 -2.21 -3.40 2.36
C THR A 73 -2.71 -2.01 2.73
N THR A 74 -3.07 -1.23 1.73
CA THR A 74 -3.63 0.09 2.00
C THR A 74 -4.96 -0.01 2.78
N SER A 75 -5.69 -1.11 2.63
CA SER A 75 -6.90 -1.34 3.43
C SER A 75 -6.56 -1.36 4.92
N MET A 76 -5.48 -2.06 5.26
CA MET A 76 -5.04 -2.13 6.65
C MET A 76 -4.57 -0.74 7.13
N ALA A 77 -3.86 0.02 6.29
CA ALA A 77 -3.43 1.38 6.66
C ALA A 77 -4.64 2.26 6.89
N THR A 78 -5.64 2.09 6.03
CA THR A 78 -6.88 2.85 6.12
C THR A 78 -7.60 2.61 7.45
N ALA A 79 -7.80 1.35 7.80
CA ALA A 79 -8.51 0.99 9.02
C ALA A 79 -7.73 1.43 10.26
N GLN A 80 -6.40 1.28 10.23
CA GLN A 80 -5.56 1.72 11.33
C GLN A 80 -5.66 3.22 11.50
N HIS A 81 -5.59 3.94 10.40
CA HIS A 81 -5.72 5.40 10.44
C HIS A 81 -7.02 5.80 11.11
N ILE A 82 -8.12 5.18 10.67
CA ILE A 82 -9.44 5.53 11.21
C ILE A 82 -9.55 5.21 12.70
N ALA A 83 -9.08 4.03 13.11
CA ALA A 83 -9.08 3.63 14.52
C ALA A 83 -8.29 4.62 15.39
N GLN A 84 -7.23 5.18 14.81
CA GLN A 84 -6.43 6.17 15.51
C GLN A 84 -7.13 7.54 15.61
N GLN A 85 -8.10 7.77 14.72
CA GLN A 85 -8.91 8.99 14.79
C GLN A 85 -10.01 8.85 15.84
N LYS A 86 -10.65 7.70 15.85
CA LYS A 86 -11.78 7.45 16.74
C LYS A 86 -11.92 5.93 16.89
N LYS A 87 -11.67 5.44 18.10
CA LYS A 87 -11.57 4.01 18.34
C LYS A 87 -12.86 3.26 18.02
N ASP A 88 -13.98 3.94 18.19
CA ASP A 88 -15.27 3.30 17.98
C ASP A 88 -15.99 3.85 16.75
N ALA A 89 -15.22 4.31 15.77
CA ALA A 89 -15.80 4.94 14.59
C ALA A 89 -16.72 4.02 13.80
N SER A 90 -17.77 4.61 13.23
CA SER A 90 -18.59 3.91 12.23
C SER A 90 -18.11 4.36 10.85
N VAL A 91 -18.16 3.46 9.88
CA VAL A 91 -17.61 3.74 8.56
C VAL A 91 -18.56 3.25 7.49
N TYR A 92 -18.91 4.12 6.54
CA TYR A 92 -19.64 3.66 5.37
C TYR A 92 -18.58 3.28 4.35
N VAL A 93 -18.55 2.00 3.96
CA VAL A 93 -17.49 1.49 3.09
C VAL A 93 -17.99 1.17 1.69
N ILE A 94 -17.35 1.77 0.70
CA ILE A 94 -17.44 1.33 -0.68
C ILE A 94 -16.17 0.53 -0.94
N GLY A 95 -16.31 -0.71 -1.41
CA GLY A 95 -15.13 -1.55 -1.61
C GLY A 95 -15.42 -3.04 -1.49
N GLU A 96 -14.34 -3.82 -1.57
CA GLU A 96 -14.45 -5.27 -1.66
C GLU A 96 -13.91 -5.93 -0.39
N GLU A 97 -13.53 -7.21 -0.46
CA GLU A 97 -13.28 -7.95 0.78
C GLU A 97 -12.12 -7.39 1.62
N GLY A 98 -11.05 -6.96 0.98
CA GLY A 98 -9.88 -6.47 1.71
C GLY A 98 -10.23 -5.36 2.70
N ILE A 99 -10.87 -4.32 2.20
CA ILE A 99 -11.18 -3.17 3.05
C ILE A 99 -12.22 -3.54 4.11
N ARG A 100 -13.21 -4.34 3.75
CA ARG A 100 -14.20 -4.76 4.75
C ARG A 100 -13.54 -5.54 5.88
N GLN A 101 -12.64 -6.46 5.56
CA GLN A 101 -11.99 -7.23 6.60
C GLN A 101 -11.15 -6.32 7.51
N ALA A 102 -10.47 -5.34 6.91
CA ALA A 102 -9.60 -4.47 7.70
C ALA A 102 -10.42 -3.63 8.67
N ILE A 103 -11.56 -3.15 8.21
CA ILE A 103 -12.45 -2.39 9.07
C ILE A 103 -12.90 -3.27 10.24
N GLU A 104 -13.37 -4.48 9.93
CA GLU A 104 -13.81 -5.46 10.93
C GLU A 104 -12.71 -5.70 11.97
N GLU A 105 -11.49 -5.94 11.50
CA GLU A 105 -10.41 -6.39 12.37
C GLU A 105 -9.77 -5.29 13.22
N ASN A 106 -10.11 -4.04 12.93
CA ASN A 106 -9.59 -2.94 13.73
C ASN A 106 -10.63 -2.34 14.69
N GLY A 107 -11.65 -3.13 15.03
CA GLY A 107 -12.63 -2.74 16.03
C GLY A 107 -13.62 -1.66 15.61
N LEU A 108 -13.74 -1.46 14.29
CA LEU A 108 -14.62 -0.42 13.77
C LEU A 108 -15.96 -1.01 13.35
N THR A 109 -16.97 -0.18 13.19
CA THR A 109 -18.27 -0.70 12.79
C THR A 109 -18.69 -0.11 11.43
N PHE A 110 -19.55 -0.83 10.73
CA PHE A 110 -20.07 -0.38 9.44
C PHE A 110 -21.33 0.45 9.66
N GLY A 111 -21.43 1.54 8.92
CA GLY A 111 -22.58 2.42 8.97
C GLY A 111 -23.07 2.85 7.59
N GLY A 112 -24.01 3.79 7.57
CA GLY A 112 -24.63 4.21 6.34
C GLY A 112 -24.60 5.72 6.19
N GLU A 113 -25.77 6.32 5.98
CA GLU A 113 -25.87 7.76 5.69
C GLU A 113 -25.41 8.67 6.83
N ASN A 114 -25.31 8.12 8.03
CA ASN A 114 -24.85 8.91 9.16
C ASN A 114 -23.53 8.44 9.77
N ALA A 115 -22.75 7.71 8.99
CA ALA A 115 -21.46 7.19 9.46
C ALA A 115 -20.45 8.30 9.78
N ASP A 116 -19.53 8.01 10.71
CA ASP A 116 -18.47 8.95 11.06
C ASP A 116 -17.50 9.17 9.89
N PHE A 117 -17.27 8.12 9.12
CA PHE A 117 -16.34 8.14 7.99
C PHE A 117 -16.96 7.53 6.75
N VAL A 118 -16.54 8.02 5.59
CA VAL A 118 -16.77 7.31 4.34
C VAL A 118 -15.41 6.84 3.80
N VAL A 119 -15.31 5.59 3.39
CA VAL A 119 -14.10 5.07 2.76
C VAL A 119 -14.44 4.56 1.38
N VAL A 120 -13.68 4.99 0.39
CA VAL A 120 -13.80 4.44 -0.96
C VAL A 120 -12.57 3.59 -1.35
N GLY A 121 -12.81 2.31 -1.61
CA GLY A 121 -11.81 1.38 -2.13
C GLY A 121 -12.41 0.77 -3.39
N ILE A 122 -11.59 0.14 -4.23
CA ILE A 122 -12.10 -0.32 -5.55
C ILE A 122 -13.34 -1.21 -5.40
N ASP A 123 -14.35 -0.96 -6.22
CA ASP A 123 -15.57 -1.78 -6.16
C ASP A 123 -16.06 -2.06 -7.56
N ARG A 124 -15.84 -3.28 -8.03
CA ARG A 124 -16.31 -3.66 -9.36
C ARG A 124 -17.82 -3.94 -9.36
N SER A 125 -18.43 -3.93 -8.18
CA SER A 125 -19.89 -4.00 -8.05
C SER A 125 -20.51 -2.67 -7.65
N ILE A 126 -19.87 -1.57 -8.07
CA ILE A 126 -20.35 -0.22 -7.77
C ILE A 126 -21.73 0.00 -8.36
N THR A 127 -22.54 0.81 -7.69
CA THR A 127 -23.89 1.15 -8.15
C THR A 127 -24.15 2.61 -7.84
N TYR A 128 -25.19 3.17 -8.45
CA TYR A 128 -25.54 4.56 -8.18
C TYR A 128 -25.88 4.74 -6.69
N GLU A 129 -26.64 3.81 -6.13
CA GLU A 129 -27.03 3.92 -4.72
C GLU A 129 -25.82 3.89 -3.79
N LYS A 130 -24.82 3.07 -4.12
CA LYS A 130 -23.60 3.07 -3.31
C LYS A 130 -22.94 4.46 -3.29
N PHE A 131 -22.79 5.08 -4.45
CA PHE A 131 -22.27 6.44 -4.50
C PHE A 131 -23.16 7.37 -3.66
N ALA A 132 -24.48 7.20 -3.81
CA ALA A 132 -25.45 8.10 -3.19
C ALA A 132 -25.32 8.09 -1.66
N VAL A 133 -25.25 6.89 -1.08
CA VAL A 133 -25.12 6.80 0.37
C VAL A 133 -23.83 7.48 0.84
N GLY A 134 -22.74 7.31 0.09
CA GLY A 134 -21.48 7.96 0.44
C GLY A 134 -21.58 9.48 0.41
N CYS A 135 -22.21 10.01 -0.65
CA CYS A 135 -22.41 11.45 -0.76
C CYS A 135 -23.26 11.98 0.40
N LEU A 136 -24.33 11.27 0.74
CA LEU A 136 -25.23 11.72 1.81
C LEU A 136 -24.47 11.71 3.16
N ALA A 137 -23.68 10.68 3.41
CA ALA A 137 -22.90 10.61 4.65
C ALA A 137 -21.93 11.77 4.77
N ILE A 138 -21.25 12.10 3.68
CA ILE A 138 -20.31 13.21 3.69
C ILE A 138 -21.03 14.53 3.96
N ARG A 139 -22.15 14.73 3.30
CA ARG A 139 -22.89 15.98 3.47
C ARG A 139 -23.51 16.05 4.87
N ASN A 140 -23.64 14.90 5.51
CA ASN A 140 -24.08 14.84 6.91
C ASN A 140 -22.93 15.01 7.91
N GLY A 141 -21.69 15.08 7.42
CA GLY A 141 -20.55 15.41 8.26
C GLY A 141 -19.45 14.35 8.33
N ALA A 142 -19.58 13.28 7.57
CA ALA A 142 -18.55 12.23 7.59
C ALA A 142 -17.21 12.69 7.03
N ARG A 143 -16.13 12.25 7.64
CA ARG A 143 -14.80 12.45 7.07
C ARG A 143 -14.61 11.48 5.90
N PHE A 144 -13.99 11.98 4.84
CA PHE A 144 -13.94 11.28 3.54
C PHE A 144 -12.52 10.77 3.34
N ILE A 145 -12.39 9.45 3.19
CA ILE A 145 -11.10 8.79 3.00
C ILE A 145 -11.13 7.92 1.76
N SER A 146 -10.03 7.90 1.00
CA SER A 146 -9.93 6.99 -0.13
C SER A 146 -8.70 6.11 0.07
N THR A 147 -8.84 4.81 -0.16
CA THR A 147 -7.71 3.91 0.02
C THR A 147 -6.53 4.19 -0.90
N ASN A 148 -6.81 4.69 -2.11
CA ASN A 148 -5.74 4.90 -3.08
C ASN A 148 -6.24 5.70 -4.28
N GLY A 149 -5.37 6.55 -4.81
CA GLY A 149 -5.74 7.46 -5.87
C GLY A 149 -5.48 7.01 -7.31
N ASP A 150 -5.00 5.79 -7.50
CA ASP A 150 -4.65 5.32 -8.84
C ASP A 150 -5.82 5.51 -9.82
N ILE A 151 -5.54 6.17 -10.95
CA ILE A 151 -6.61 6.53 -11.87
C ILE A 151 -7.06 5.36 -12.75
N ALA A 152 -6.18 4.40 -12.98
CA ALA A 152 -6.53 3.28 -13.85
C ALA A 152 -5.82 1.99 -13.45
N ILE A 153 -6.35 0.87 -13.93
CA ILE A 153 -5.78 -0.44 -13.68
C ILE A 153 -5.42 -1.04 -15.03
N PRO A 154 -4.12 -1.30 -15.26
CA PRO A 154 -3.71 -1.94 -16.51
C PRO A 154 -4.13 -3.40 -16.53
N THR A 155 -4.81 -3.80 -17.60
CA THR A 155 -5.20 -5.19 -17.80
C THR A 155 -4.98 -5.52 -19.27
N GLU A 156 -5.24 -6.77 -19.65
CA GLU A 156 -5.13 -7.13 -21.05
C GLU A 156 -6.20 -6.46 -21.90
N ARG A 157 -7.28 -5.99 -21.26
CA ARG A 157 -8.35 -5.30 -21.98
C ARG A 157 -7.93 -3.89 -22.34
N GLY A 158 -7.00 -3.35 -21.56
CA GLY A 158 -6.63 -1.94 -21.64
C GLY A 158 -6.66 -1.38 -20.23
N LEU A 159 -6.77 -0.06 -20.14
CA LEU A 159 -6.69 0.61 -18.84
C LEU A 159 -8.07 0.87 -18.25
N LEU A 160 -8.43 0.08 -17.24
CA LEU A 160 -9.76 0.13 -16.63
C LEU A 160 -9.84 1.17 -15.51
N PRO A 161 -11.06 1.53 -15.10
CA PRO A 161 -11.17 2.56 -14.07
C PRO A 161 -10.51 2.15 -12.75
N GLY A 162 -9.66 3.01 -12.20
CA GLY A 162 -8.99 2.71 -10.93
C GLY A 162 -9.70 3.38 -9.78
N ASN A 163 -9.28 3.11 -8.55
CA ASN A 163 -10.00 3.66 -7.40
C ASN A 163 -10.04 5.18 -7.35
N GLY A 164 -8.98 5.83 -7.82
CA GLY A 164 -8.99 7.28 -7.86
C GLY A 164 -10.13 7.82 -8.70
N SER A 165 -10.44 7.15 -9.80
CA SER A 165 -11.54 7.61 -10.66
C SER A 165 -12.90 7.45 -9.98
N LEU A 166 -13.11 6.34 -9.29
CA LEU A 166 -14.38 6.11 -8.61
C LEU A 166 -14.55 7.06 -7.42
N THR A 167 -13.44 7.28 -6.70
CA THR A 167 -13.41 8.21 -5.59
C THR A 167 -13.94 9.60 -6.00
N SER A 168 -13.59 9.99 -7.22
N SER A 168 -13.60 10.03 -7.21
CA SER A 168 -13.92 11.30 -7.75
CA SER A 168 -13.93 11.39 -7.63
C SER A 168 -15.40 11.62 -7.73
C SER A 168 -15.42 11.65 -7.78
N VAL A 169 -16.24 10.60 -7.84
CA VAL A 169 -17.68 10.82 -7.86
C VAL A 169 -18.07 11.54 -6.58
N LEU A 170 -17.56 11.06 -5.45
CA LEU A 170 -17.89 11.68 -4.17
C LEU A 170 -17.26 13.08 -4.04
N THR A 171 -16.01 13.20 -4.45
CA THR A 171 -15.33 14.48 -4.42
C THR A 171 -16.09 15.55 -5.19
N VAL A 172 -16.51 15.20 -6.40
CA VAL A 172 -17.19 16.17 -7.24
C VAL A 172 -18.58 16.45 -6.72
N SER A 173 -19.34 15.40 -6.39
CA SER A 173 -20.73 15.62 -5.97
C SER A 173 -20.86 16.39 -4.67
N THR A 174 -19.93 16.18 -3.74
CA THR A 174 -19.99 16.81 -2.41
C THR A 174 -19.12 18.05 -2.25
N GLY A 175 -18.10 18.20 -3.09
CA GLY A 175 -17.16 19.30 -2.97
C GLY A 175 -16.11 19.08 -1.89
N VAL A 176 -16.09 17.88 -1.32
CA VAL A 176 -15.16 17.57 -0.24
C VAL A 176 -13.97 16.75 -0.76
N GLN A 177 -12.77 17.22 -0.49
CA GLN A 177 -11.55 16.54 -0.93
C GLN A 177 -11.24 15.41 0.04
N PRO A 178 -10.96 14.20 -0.49
CA PRO A 178 -10.68 13.06 0.39
C PRO A 178 -9.25 13.06 0.93
N VAL A 179 -9.05 12.37 2.05
CA VAL A 179 -7.69 12.02 2.47
C VAL A 179 -7.33 10.73 1.75
N PHE A 180 -6.28 10.76 0.93
CA PHE A 180 -5.80 9.53 0.31
C PHE A 180 -4.79 8.85 1.23
N ILE A 181 -4.91 7.54 1.35
CA ILE A 181 -4.09 6.76 2.27
C ILE A 181 -2.88 6.15 1.56
N GLY A 182 -3.11 5.62 0.37
CA GLY A 182 -2.09 4.85 -0.34
C GLY A 182 -1.05 5.66 -1.08
N LYS A 183 -0.05 4.95 -1.65
CA LYS A 183 1.00 5.58 -2.45
C LYS A 183 0.35 6.53 -3.47
N PRO A 184 0.96 7.70 -3.70
CA PRO A 184 2.25 8.18 -3.21
C PRO A 184 2.18 8.92 -1.86
N GLU A 185 1.05 8.84 -1.15
CA GLU A 185 0.94 9.50 0.14
C GLU A 185 1.75 8.78 1.20
N SER A 186 2.10 9.51 2.26
CA SER A 186 2.93 8.97 3.34
C SER A 186 2.16 8.11 4.36
N ILE A 187 0.84 8.26 4.43
CA ILE A 187 0.08 7.55 5.45
C ILE A 187 0.30 6.04 5.41
N ILE A 188 0.25 5.44 4.21
CA ILE A 188 0.46 4.00 4.12
C ILE A 188 1.85 3.61 4.66
N MET A 189 2.85 4.44 4.41
CA MET A 189 4.21 4.19 4.88
C MET A 189 4.28 4.29 6.40
N GLU A 190 3.66 5.32 6.96
CA GLU A 190 3.65 5.55 8.40
C GLU A 190 2.93 4.41 9.14
N GLN A 191 1.80 3.97 8.60
CA GLN A 191 1.07 2.87 9.20
C GLN A 191 1.85 1.55 9.08
N ALA A 192 2.55 1.36 7.96
CA ALA A 192 3.39 0.17 7.79
C ALA A 192 4.48 0.12 8.85
N MET A 193 5.09 1.27 9.12
CA MET A 193 6.18 1.36 10.10
C MET A 193 5.67 1.05 11.51
N ARG A 194 4.41 1.36 11.79
CA ARG A 194 3.83 0.99 13.07
C ARG A 194 3.84 -0.51 13.26
N VAL A 195 3.55 -1.25 12.18
CA VAL A 195 3.53 -2.71 12.23
C VAL A 195 4.94 -3.27 12.25
N LEU A 196 5.80 -2.72 11.40
CA LEU A 196 7.17 -3.22 11.23
C LEU A 196 8.01 -2.97 12.48
N GLY A 197 7.72 -1.87 13.16
CA GLY A 197 8.37 -1.53 14.41
C GLY A 197 9.68 -0.78 14.27
N THR A 198 9.91 -0.20 13.08
CA THR A 198 11.15 0.52 12.82
C THR A 198 10.92 2.03 12.57
N ASP A 199 11.98 2.81 12.73
CA ASP A 199 11.98 4.26 12.50
C ASP A 199 12.07 4.61 11.04
N VAL A 200 11.68 5.84 10.72
CA VAL A 200 11.91 6.38 9.39
C VAL A 200 13.37 6.29 8.97
N SER A 201 14.29 6.47 9.93
CA SER A 201 15.72 6.52 9.61
C SER A 201 16.34 5.16 9.35
N GLU A 202 15.60 4.10 9.67
CA GLU A 202 16.17 2.76 9.60
C GLU A 202 15.33 1.85 8.72
N THR A 203 14.34 2.42 8.03
CA THR A 203 13.48 1.65 7.16
C THR A 203 13.76 1.96 5.69
N LEU A 204 13.80 0.93 4.84
CA LEU A 204 14.03 1.12 3.41
C LEU A 204 12.79 0.73 2.60
N MET A 205 12.33 1.61 1.73
CA MET A 205 11.23 1.29 0.82
C MET A 205 11.81 0.83 -0.51
N VAL A 206 11.44 -0.37 -0.92
CA VAL A 206 11.93 -0.99 -2.15
C VAL A 206 10.81 -1.09 -3.16
N GLY A 207 11.00 -0.48 -4.33
CA GLY A 207 9.95 -0.46 -5.33
C GLY A 207 10.51 -0.33 -6.73
N ASP A 208 9.62 -0.30 -7.71
CA ASP A 208 10.05 -0.28 -9.11
C ASP A 208 9.34 0.81 -9.90
N ASN A 209 8.61 1.67 -9.20
CA ASN A 209 7.96 2.80 -9.85
C ASN A 209 8.18 4.09 -9.07
N TYR A 210 8.73 5.10 -9.75
CA TYR A 210 9.06 6.33 -9.04
C TYR A 210 7.83 7.08 -8.57
N ALA A 211 6.88 7.31 -9.48
CA ALA A 211 5.74 8.19 -9.19
C ALA A 211 4.90 7.72 -8.00
N THR A 212 4.87 6.42 -7.76
CA THR A 212 4.08 5.88 -6.64
C THR A 212 4.94 5.35 -5.49
N ASP A 213 5.78 4.35 -5.76
CA ASP A 213 6.55 3.69 -4.71
C ASP A 213 7.60 4.62 -4.10
N ILE A 214 8.45 5.17 -4.95
CA ILE A 214 9.54 6.00 -4.45
C ILE A 214 9.00 7.29 -3.83
N MET A 215 8.03 7.91 -4.48
CA MET A 215 7.45 9.13 -3.94
C MET A 215 6.80 8.89 -2.57
N ALA A 216 6.20 7.71 -2.37
CA ALA A 216 5.64 7.43 -1.05
C ALA A 216 6.74 7.44 0.02
N GLY A 217 7.88 6.82 -0.28
CA GLY A 217 9.00 6.83 0.65
C GLY A 217 9.53 8.24 0.87
N ILE A 218 9.75 8.96 -0.22
CA ILE A 218 10.19 10.35 -0.12
C ILE A 218 9.24 11.19 0.73
N ASN A 219 7.94 11.05 0.50
CA ASN A 219 6.96 11.81 1.28
C ASN A 219 6.98 11.44 2.77
N ALA A 220 7.28 10.18 3.08
CA ALA A 220 7.38 9.74 4.47
C ALA A 220 8.73 10.09 5.12
N GLY A 221 9.68 10.55 4.32
CA GLY A 221 11.01 10.87 4.83
C GLY A 221 11.98 9.69 4.92
N MET A 222 11.62 8.57 4.30
CA MET A 222 12.44 7.35 4.43
C MET A 222 13.33 7.18 3.19
N ASP A 223 14.44 6.46 3.35
CA ASP A 223 15.30 6.13 2.23
C ASP A 223 14.56 5.19 1.28
N THR A 224 14.93 5.24 0.00
CA THR A 224 14.28 4.43 -1.03
C THR A 224 15.30 3.66 -1.86
N LEU A 225 14.86 2.53 -2.42
CA LEU A 225 15.64 1.73 -3.36
C LEU A 225 14.79 1.50 -4.60
N LEU A 226 15.20 2.07 -5.72
CA LEU A 226 14.45 1.89 -6.97
C LEU A 226 15.05 0.76 -7.81
N VAL A 227 14.21 -0.18 -8.21
CA VAL A 227 14.64 -1.30 -9.03
C VAL A 227 14.22 -1.04 -10.48
N HIS A 228 15.19 -0.93 -11.37
CA HIS A 228 14.93 -0.69 -12.80
C HIS A 228 14.76 -2.03 -13.48
N THR A 229 13.52 -2.44 -13.69
CA THR A 229 13.24 -3.78 -14.20
C THR A 229 13.50 -3.92 -15.71
N GLY A 230 13.44 -2.80 -16.42
CA GLY A 230 13.65 -2.82 -17.86
C GLY A 230 12.43 -3.34 -18.61
N MET A 237 14.14 12.07 -15.27
CA MET A 237 14.28 12.59 -13.91
C MET A 237 14.73 14.05 -13.90
N THR A 238 13.76 14.96 -13.93
CA THR A 238 14.03 16.39 -13.85
C THR A 238 14.98 16.73 -12.71
N ASP A 239 15.67 17.87 -12.83
CA ASP A 239 16.61 18.32 -11.82
C ASP A 239 15.92 18.63 -10.49
N ASP A 240 14.70 19.15 -10.57
CA ASP A 240 13.92 19.45 -9.37
C ASP A 240 13.30 18.17 -8.80
N MET A 241 13.59 17.03 -9.43
CA MET A 241 13.09 15.74 -8.95
C MET A 241 14.08 15.01 -8.05
N GLU A 242 13.65 14.73 -6.83
CA GLU A 242 14.49 14.08 -5.84
C GLU A 242 14.77 12.61 -6.22
N LYS A 243 16.05 12.24 -6.25
CA LYS A 243 16.47 10.89 -6.62
C LYS A 243 16.16 9.86 -5.54
N PRO A 244 15.92 8.60 -5.96
CA PRO A 244 15.89 7.50 -4.98
C PRO A 244 17.23 7.44 -4.27
N THR A 245 17.24 7.02 -3.02
CA THR A 245 18.51 6.91 -2.30
C THR A 245 19.46 5.97 -3.04
N HIS A 246 18.91 4.84 -3.48
CA HIS A 246 19.68 3.81 -4.15
C HIS A 246 18.95 3.33 -5.40
N ALA A 247 19.69 2.79 -6.35
CA ALA A 247 19.10 2.26 -7.58
C ALA A 247 19.86 1.02 -8.08
N ILE A 248 19.12 0.01 -8.49
CA ILE A 248 19.71 -1.23 -9.00
C ILE A 248 18.85 -1.80 -10.13
N ASP A 249 19.41 -2.73 -10.89
CA ASP A 249 18.66 -3.34 -12.01
C ASP A 249 17.97 -4.63 -11.59
N SER A 250 18.51 -5.30 -10.58
CA SER A 250 17.96 -6.56 -10.14
C SER A 250 18.06 -6.68 -8.63
N LEU A 251 17.02 -7.23 -8.00
CA LEU A 251 17.03 -7.40 -6.56
C LEU A 251 18.25 -8.20 -6.10
N THR A 252 18.74 -9.08 -6.97
CA THR A 252 19.94 -9.85 -6.68
C THR A 252 21.12 -8.97 -6.24
N GLU A 253 21.22 -7.78 -6.83
CA GLU A 253 22.31 -6.85 -6.54
C GLU A 253 22.37 -6.41 -5.07
N TRP A 254 21.22 -6.43 -4.40
CA TRP A 254 21.15 -5.91 -3.04
C TRP A 254 21.55 -6.95 -2.01
N ILE A 255 21.54 -8.22 -2.43
CA ILE A 255 21.84 -9.32 -1.51
C ILE A 255 23.15 -9.16 -0.75
N PRO A 256 24.24 -8.81 -1.44
CA PRO A 256 25.53 -8.65 -0.78
C PRO A 256 25.47 -7.59 0.31
N TYR A 257 24.71 -6.53 0.07
CA TYR A 257 24.57 -5.44 1.04
C TYR A 257 23.81 -5.86 2.29
N ILE A 258 22.76 -6.66 2.11
CA ILE A 258 22.06 -7.23 3.24
C ILE A 258 23.03 -8.07 4.06
N GLU A 259 23.74 -8.98 3.38
CA GLU A 259 24.64 -9.91 4.06
C GLU A 259 25.80 -9.19 4.74
N GLY A 260 26.26 -8.11 4.14
CA GLY A 260 27.36 -7.33 4.69
C GLY A 260 26.98 -6.55 5.93
N HIS A 261 25.67 -6.35 6.16
CA HIS A 261 25.21 -5.56 7.30
C HIS A 261 24.45 -6.38 8.34
N HIS A 262 24.04 -7.58 7.97
CA HIS A 262 23.26 -8.42 8.88
C HIS A 262 23.86 -9.82 8.90
N HIS A 263 24.68 -10.09 9.91
CA HIS A 263 25.52 -11.28 9.91
C HIS A 263 24.90 -12.45 10.67
N HIS A 264 25.45 -13.64 10.46
CA HIS A 264 25.10 -14.81 11.23
C HIS A 264 25.88 -14.82 12.55
#